data_6W84
#
_entry.id   6W84
#
_cell.length_a   70.627
_cell.length_b   121.287
_cell.length_c   130.034
_cell.angle_alpha   90
_cell.angle_beta   90
_cell.angle_gamma   90
#
_symmetry.space_group_name_H-M   'P 21 21 21'
#
loop_
_entity.id
_entity.type
_entity.pdbx_description
1 polymer 'Potassium channel subfamily K member 2'
2 non-polymer 'CADMIUM ION'
3 non-polymer DODECANE
4 non-polymer 'POTASSIUM ION'
5 non-polymer N-OCTANE
#
_entity_poly.entity_id   1
_entity_poly.type   'polypeptide(L)'
_entity_poly.pdbx_seq_one_letter_code
;MSFSSKPTVLASRVESDSAINVMKWKTVSTIFLVVVLYLIIGATVFKALEQPQEISQRTTIVIQREKFLRAHPCVSDQEL
DELIQQIVAAINAGIIPLGASSNQVSHWDLGSSFFFAGTVITTIGFGNISPRTEGGKIFCIIYALLGIPLFGFLLAGVGD
QLGTIFGKGIAKVEDTFIKWNVSQTKIRIISTIIFILFGCVLFVALPAVIFKHIEGWSALDAIYFVVITLTTIGFGDYVA
GGSDIEYLDFYKPVVWFWILVGLAYFAAVLSMIGDWLRVIAKKTKEAVGEFRAHAAEWTANVTSNSLEVLFQ
;
_entity_poly.pdbx_strand_id   A,B
#
loop_
_chem_comp.id
_chem_comp.type
_chem_comp.name
_chem_comp.formula
CD non-polymer 'CADMIUM ION' 'Cd 2'
D12 non-polymer DODECANE 'C12 H26'
K non-polymer 'POTASSIUM ION' 'K 1'
OCT non-polymer N-OCTANE 'C8 H18'
#
# COMPACT_ATOMS: atom_id res chain seq x y z
N LYS A 24 -6.04 25.95 -20.41
CA LYS A 24 -4.83 26.48 -21.02
C LYS A 24 -3.59 26.08 -20.25
N TRP A 25 -3.39 26.70 -19.09
CA TRP A 25 -2.22 26.46 -18.28
C TRP A 25 -2.19 25.02 -17.76
N LYS A 26 -1.05 24.35 -17.95
CA LYS A 26 -0.90 22.97 -17.50
C LYS A 26 -0.78 22.89 -15.98
N THR A 27 0.27 23.51 -15.43
CA THR A 27 0.48 23.69 -14.00
C THR A 27 0.84 22.36 -13.34
N VAL A 28 0.74 21.26 -14.09
CA VAL A 28 1.20 19.97 -13.58
C VAL A 28 2.72 19.86 -13.71
N SER A 29 3.29 20.53 -14.73
CA SER A 29 4.74 20.51 -14.93
C SER A 29 5.49 20.94 -13.67
N THR A 30 5.02 22.00 -13.01
CA THR A 30 5.67 22.46 -11.79
C THR A 30 5.54 21.43 -10.68
N ILE A 31 4.38 20.80 -10.56
CA ILE A 31 4.21 19.74 -9.56
C ILE A 31 5.07 18.54 -9.91
N PHE A 32 5.07 18.14 -11.17
CA PHE A 32 5.83 16.97 -11.64
C PHE A 32 7.28 17.06 -11.22
N LEU A 33 7.90 18.22 -11.44
CA LEU A 33 9.33 18.39 -11.14
C LEU A 33 9.58 18.45 -9.64
N VAL A 34 8.63 18.97 -8.87
CA VAL A 34 8.77 18.95 -7.41
C VAL A 34 8.75 17.52 -6.90
N VAL A 35 7.89 16.67 -7.48
CA VAL A 35 7.82 15.27 -7.05
C VAL A 35 9.07 14.52 -7.46
N VAL A 36 9.56 14.76 -8.69
CA VAL A 36 10.79 14.12 -9.13
C VAL A 36 11.96 14.52 -8.24
N LEU A 37 12.10 15.82 -7.99
CA LEU A 37 13.13 16.30 -7.07
C LEU A 37 12.92 15.75 -5.67
N TYR A 38 11.67 15.63 -5.23
CA TYR A 38 11.38 15.06 -3.92
C TYR A 38 11.80 13.60 -3.86
N LEU A 39 11.68 12.87 -4.97
CA LEU A 39 12.12 11.48 -5.00
C LEU A 39 13.64 11.39 -5.02
N ILE A 40 14.30 12.31 -5.73
CA ILE A 40 15.77 12.30 -5.77
C ILE A 40 16.34 12.59 -4.40
N ILE A 41 15.77 13.58 -3.70
CA ILE A 41 16.23 13.90 -2.34
C ILE A 41 16.08 12.68 -1.43
N GLY A 42 14.87 12.13 -1.37
CA GLY A 42 14.65 10.94 -0.57
C GLY A 42 15.60 9.82 -0.92
N ALA A 43 15.76 9.56 -2.23
CA ALA A 43 16.69 8.54 -2.70
C ALA A 43 18.07 8.73 -2.09
N THR A 44 18.64 9.93 -2.26
CA THR A 44 19.96 10.21 -1.72
C THR A 44 20.00 10.07 -0.20
N VAL A 45 18.90 10.44 0.47
CA VAL A 45 18.86 10.32 1.92
C VAL A 45 18.79 8.86 2.33
N PHE A 46 18.00 8.04 1.63
CA PHE A 46 17.87 6.64 2.00
C PHE A 46 19.17 5.88 1.78
N LYS A 47 19.78 6.02 0.60
CA LYS A 47 21.05 5.33 0.39
C LYS A 47 22.19 5.91 1.22
N ALA A 48 21.99 7.09 1.82
CA ALA A 48 22.92 7.55 2.85
C ALA A 48 22.61 6.92 4.19
N LEU A 49 21.33 6.72 4.50
CA LEU A 49 20.92 6.13 5.77
C LEU A 49 21.10 4.62 5.79
N GLU A 50 20.83 3.96 4.67
CA GLU A 50 20.66 2.50 4.68
C GLU A 50 21.84 1.72 4.12
N GLN A 51 22.48 2.22 3.06
CA GLN A 51 23.58 1.47 2.48
C GLN A 51 24.72 1.23 3.47
N PRO A 52 25.06 2.13 4.41
CA PRO A 52 26.03 1.76 5.47
C PRO A 52 25.64 0.52 6.23
N GLN A 53 24.44 0.46 6.81
CA GLN A 53 24.06 -0.77 7.47
C GLN A 53 23.74 -1.89 6.49
N GLU A 54 23.59 -1.59 5.20
CA GLU A 54 23.56 -2.66 4.23
C GLU A 54 24.94 -3.29 4.10
N ILE A 55 25.99 -2.46 4.10
CA ILE A 55 27.37 -2.95 4.03
C ILE A 55 27.68 -3.85 5.21
N SER A 56 27.41 -3.35 6.41
CA SER A 56 27.82 -4.05 7.63
C SER A 56 27.14 -5.41 7.76
N GLN A 57 25.85 -5.50 7.44
CA GLN A 57 25.12 -6.78 7.48
C GLN A 57 25.71 -7.78 6.50
N ARG A 58 25.89 -7.35 5.25
CA ARG A 58 26.26 -8.29 4.20
C ARG A 58 27.70 -8.75 4.37
N THR A 59 28.57 -7.88 4.91
CA THR A 59 29.95 -8.30 5.17
C THR A 59 30.02 -9.24 6.37
N THR A 60 29.23 -8.97 7.41
CA THR A 60 29.22 -9.82 8.59
C THR A 60 28.40 -11.10 8.41
N ILE A 61 27.75 -11.28 7.26
CA ILE A 61 27.12 -12.56 6.96
C ILE A 61 28.11 -13.53 6.33
N VAL A 62 29.05 -13.02 5.52
CA VAL A 62 30.11 -13.88 5.01
C VAL A 62 31.01 -14.35 6.14
N ILE A 63 31.14 -13.54 7.20
CA ILE A 63 31.83 -14.01 8.40
C ILE A 63 31.05 -15.14 9.05
N GLN A 64 29.73 -14.98 9.15
CA GLN A 64 28.89 -16.03 9.73
C GLN A 64 28.91 -17.29 8.87
N ARG A 65 29.01 -17.15 7.56
CA ARG A 65 29.08 -18.33 6.70
C ARG A 65 30.43 -19.00 6.80
N GLU A 66 31.52 -18.22 6.67
CA GLU A 66 32.85 -18.79 6.77
C GLU A 66 33.11 -19.34 8.17
N LYS A 67 32.42 -18.80 9.19
CA LYS A 67 32.40 -19.44 10.50
C LYS A 67 31.84 -20.84 10.40
N PHE A 68 30.74 -21.01 9.67
CA PHE A 68 30.02 -22.28 9.68
C PHE A 68 30.60 -23.29 8.69
N LEU A 69 31.39 -22.84 7.71
CA LEU A 69 32.17 -23.78 6.91
C LEU A 69 33.29 -24.40 7.75
N ARG A 70 33.88 -23.62 8.66
CA ARG A 70 34.95 -24.14 9.51
C ARG A 70 34.39 -24.91 10.70
N ALA A 71 33.52 -24.26 11.49
CA ALA A 71 33.09 -24.80 12.77
C ALA A 71 32.38 -26.14 12.64
N HIS A 72 31.91 -26.50 11.44
CA HIS A 72 31.24 -27.77 11.20
C HIS A 72 31.80 -28.38 9.93
N PRO A 73 32.95 -29.06 10.02
CA PRO A 73 33.50 -29.73 8.82
C PRO A 73 32.58 -30.80 8.26
N CYS A 74 31.52 -31.16 8.98
CA CYS A 74 30.57 -32.14 8.48
C CYS A 74 29.95 -31.68 7.17
N VAL A 75 29.52 -30.43 7.12
CA VAL A 75 29.02 -29.83 5.89
C VAL A 75 30.20 -29.40 5.04
N SER A 76 30.13 -29.66 3.74
CA SER A 76 31.18 -29.32 2.81
C SER A 76 30.88 -27.96 2.17
N ASP A 77 31.65 -27.62 1.13
CA ASP A 77 31.44 -26.35 0.46
C ASP A 77 30.18 -26.38 -0.41
N GLN A 78 29.94 -27.49 -1.11
CA GLN A 78 28.76 -27.56 -1.97
C GLN A 78 27.49 -27.83 -1.19
N GLU A 79 27.58 -28.56 -0.08
CA GLU A 79 26.39 -29.02 0.62
C GLU A 79 25.70 -27.90 1.39
N LEU A 80 26.44 -26.88 1.82
CA LEU A 80 25.81 -25.67 2.31
C LEU A 80 25.02 -24.98 1.21
N ASP A 81 25.60 -24.89 0.01
CA ASP A 81 24.93 -24.22 -1.10
C ASP A 81 23.61 -24.90 -1.44
N GLU A 82 23.56 -26.24 -1.32
CA GLU A 82 22.30 -26.95 -1.49
C GLU A 82 21.28 -26.51 -0.46
N LEU A 83 21.70 -26.36 0.79
CA LEU A 83 20.77 -25.96 1.85
C LEU A 83 20.27 -24.54 1.64
N ILE A 84 21.15 -23.62 1.24
CA ILE A 84 20.74 -22.23 1.05
C ILE A 84 19.63 -22.15 0.01
N GLN A 85 19.78 -22.88 -1.09
CA GLN A 85 18.84 -22.82 -2.19
C GLN A 85 17.50 -23.48 -1.86
N GLN A 86 17.49 -24.39 -0.88
CA GLN A 86 16.22 -24.90 -0.39
C GLN A 86 15.51 -23.88 0.48
N ILE A 87 16.28 -23.06 1.21
CA ILE A 87 15.70 -21.95 1.94
C ILE A 87 15.33 -20.83 0.99
N VAL A 88 16.13 -20.62 -0.05
CA VAL A 88 15.75 -19.70 -1.12
C VAL A 88 14.43 -20.12 -1.75
N ALA A 89 14.24 -21.44 -1.94
CA ALA A 89 12.94 -21.93 -2.37
C ALA A 89 11.91 -21.83 -1.26
N ALA A 90 12.34 -21.96 -0.01
CA ALA A 90 11.43 -21.77 1.12
C ALA A 90 10.96 -20.33 1.26
N ILE A 91 11.70 -19.37 0.68
CA ILE A 91 11.22 -17.99 0.65
C ILE A 91 9.85 -17.91 0.00
N ASN A 92 9.64 -18.72 -1.05
CA ASN A 92 8.37 -18.66 -1.78
C ASN A 92 7.18 -19.01 -0.90
N ALA A 93 7.38 -19.86 0.10
CA ALA A 93 6.32 -20.17 1.06
C ALA A 93 6.65 -19.69 2.47
N GLY A 94 7.79 -20.10 3.02
CA GLY A 94 8.12 -19.80 4.40
C GLY A 94 9.26 -20.65 4.94
N SER A 106 0.13 -21.65 11.81
CA SER A 106 -0.21 -22.09 10.47
C SER A 106 -0.82 -20.95 9.66
N HIS A 107 -0.44 -20.86 8.39
CA HIS A 107 -0.95 -19.81 7.52
C HIS A 107 -2.34 -20.17 7.01
N TRP A 108 -3.04 -19.14 6.52
CA TRP A 108 -4.35 -19.29 5.87
C TRP A 108 -5.33 -20.06 6.74
N ASP A 109 -5.35 -19.76 8.04
CA ASP A 109 -6.29 -20.43 8.92
C ASP A 109 -7.62 -19.69 8.89
N LEU A 110 -8.52 -20.01 9.83
CA LEU A 110 -9.82 -19.36 9.86
C LEU A 110 -9.70 -17.85 10.03
N GLY A 111 -8.69 -17.41 10.78
CA GLY A 111 -8.53 -15.99 11.06
C GLY A 111 -7.57 -15.26 10.15
N SER A 112 -6.51 -15.95 9.70
CA SER A 112 -5.49 -15.28 8.89
C SER A 112 -6.05 -14.84 7.54
N SER A 113 -6.76 -15.73 6.85
CA SER A 113 -7.35 -15.38 5.57
C SER A 113 -8.37 -14.26 5.71
N PHE A 114 -9.03 -14.18 6.88
CA PHE A 114 -9.87 -13.03 7.18
C PHE A 114 -9.04 -11.75 7.24
N PHE A 115 -7.87 -11.82 7.85
CA PHE A 115 -7.00 -10.65 7.97
C PHE A 115 -6.30 -10.34 6.65
N PHE A 116 -6.01 -11.36 5.85
CA PHE A 116 -5.49 -11.14 4.51
C PHE A 116 -6.46 -10.31 3.66
N ALA A 117 -7.75 -10.67 3.71
CA ALA A 117 -8.74 -9.93 2.95
C ALA A 117 -8.84 -8.48 3.42
N GLY A 118 -8.62 -8.24 4.71
CA GLY A 118 -8.59 -6.86 5.19
C GLY A 118 -7.45 -6.05 4.60
N THR A 119 -6.31 -6.70 4.37
CA THR A 119 -5.19 -6.02 3.73
C THR A 119 -5.51 -5.64 2.29
N VAL A 120 -6.30 -6.46 1.61
CA VAL A 120 -6.54 -6.26 0.18
C VAL A 120 -7.50 -5.11 -0.05
N ILE A 121 -8.64 -5.10 0.65
CA ILE A 121 -9.66 -4.08 0.39
C ILE A 121 -9.21 -2.72 0.91
N THR A 122 -8.42 -2.69 1.98
CA THR A 122 -7.85 -1.44 2.47
C THR A 122 -6.62 -1.00 1.69
N THR A 123 -6.19 -1.80 0.71
CA THR A 123 -4.99 -1.54 -0.08
C THR A 123 -3.74 -1.40 0.80
N ILE A 124 -3.78 -1.98 1.99
CA ILE A 124 -2.56 -2.05 2.80
C ILE A 124 -1.63 -3.11 2.25
N GLY A 125 -2.11 -4.34 2.13
CA GLY A 125 -1.37 -5.43 1.53
C GLY A 125 0.01 -5.65 2.12
N PHE A 126 0.07 -6.10 3.37
CA PHE A 126 1.35 -6.32 4.02
C PHE A 126 2.22 -7.32 3.26
N GLY A 127 1.59 -8.30 2.59
CA GLY A 127 2.31 -9.23 1.77
C GLY A 127 2.97 -10.39 2.49
N ASN A 128 3.02 -10.36 3.83
CA ASN A 128 3.53 -11.50 4.57
C ASN A 128 2.73 -12.77 4.25
N ILE A 129 1.46 -12.61 3.90
CA ILE A 129 0.63 -13.69 3.37
C ILE A 129 0.17 -13.26 1.99
N SER A 130 0.61 -13.99 0.96
CA SER A 130 0.25 -13.69 -0.42
C SER A 130 -0.17 -14.96 -1.14
N PRO A 131 -1.13 -14.88 -2.04
CA PRO A 131 -1.65 -16.09 -2.69
C PRO A 131 -0.66 -16.69 -3.66
N ARG A 132 -0.57 -18.01 -3.63
CA ARG A 132 0.35 -18.73 -4.50
C ARG A 132 -0.36 -19.47 -5.62
N THR A 133 -1.61 -19.86 -5.41
CA THR A 133 -2.36 -20.55 -6.45
C THR A 133 -2.67 -19.60 -7.60
N GLU A 134 -2.72 -20.16 -8.81
CA GLU A 134 -3.18 -19.39 -9.96
C GLU A 134 -4.58 -18.84 -9.73
N GLY A 135 -5.45 -19.64 -9.10
CA GLY A 135 -6.78 -19.18 -8.78
C GLY A 135 -6.80 -18.13 -7.68
N GLY A 136 -6.01 -18.37 -6.62
CA GLY A 136 -5.90 -17.39 -5.54
C GLY A 136 -5.52 -16.01 -6.02
N LYS A 137 -4.64 -15.96 -7.01
CA LYS A 137 -4.30 -14.68 -7.63
C LYS A 137 -5.52 -14.08 -8.34
N ILE A 138 -6.19 -14.90 -9.15
CA ILE A 138 -7.32 -14.39 -9.92
C ILE A 138 -8.48 -14.01 -9.01
N PHE A 139 -8.72 -14.80 -7.96
CA PHE A 139 -9.73 -14.39 -6.98
C PHE A 139 -9.34 -13.08 -6.31
N CYS A 140 -8.07 -12.94 -5.93
CA CYS A 140 -7.61 -11.70 -5.31
C CYS A 140 -7.76 -10.52 -6.26
N ILE A 141 -7.46 -10.72 -7.54
CA ILE A 141 -7.66 -9.66 -8.53
C ILE A 141 -9.12 -9.23 -8.56
N ILE A 142 -10.03 -10.21 -8.63
CA ILE A 142 -11.45 -9.90 -8.61
C ILE A 142 -11.88 -9.40 -7.23
N TYR A 143 -11.30 -9.97 -6.17
CA TYR A 143 -11.66 -9.57 -4.82
C TYR A 143 -11.24 -8.13 -4.54
N ALA A 144 -10.16 -7.67 -5.16
CA ALA A 144 -9.69 -6.30 -4.96
C ALA A 144 -10.53 -5.31 -5.77
N LEU A 145 -10.72 -5.59 -7.06
CA LEU A 145 -11.43 -4.65 -7.93
C LEU A 145 -12.85 -4.37 -7.43
N LEU A 146 -13.43 -5.30 -6.68
CA LEU A 146 -14.77 -5.10 -6.11
C LEU A 146 -14.73 -4.77 -4.63
N GLY A 147 -13.74 -5.27 -3.89
CA GLY A 147 -13.66 -5.02 -2.46
C GLY A 147 -13.11 -3.66 -2.10
N ILE A 148 -12.13 -3.17 -2.89
CA ILE A 148 -11.58 -1.84 -2.63
C ILE A 148 -12.64 -0.76 -2.73
N PRO A 149 -13.50 -0.71 -3.76
CA PRO A 149 -14.59 0.27 -3.73
C PRO A 149 -15.54 0.04 -2.58
N LEU A 150 -15.85 -1.21 -2.26
CA LEU A 150 -16.73 -1.53 -1.15
C LEU A 150 -16.20 -0.93 0.16
N PHE A 151 -14.94 -1.22 0.48
CA PHE A 151 -14.36 -0.70 1.71
C PHE A 151 -14.40 0.83 1.77
N GLY A 152 -14.23 1.48 0.61
CA GLY A 152 -14.27 2.93 0.56
C GLY A 152 -15.54 3.51 1.15
N PHE A 153 -16.67 2.83 0.95
CA PHE A 153 -17.93 3.32 1.50
C PHE A 153 -17.96 3.17 3.02
N LEU A 154 -17.39 2.08 3.54
CA LEU A 154 -17.31 1.91 4.99
C LEU A 154 -16.41 2.96 5.61
N LEU A 155 -15.19 3.13 5.07
CA LEU A 155 -14.29 4.16 5.57
C LEU A 155 -14.91 5.55 5.43
N ALA A 156 -15.73 5.76 4.41
CA ALA A 156 -16.44 7.02 4.28
C ALA A 156 -17.48 7.18 5.39
N GLY A 157 -18.25 6.13 5.65
CA GLY A 157 -19.23 6.19 6.73
C GLY A 157 -18.56 6.30 8.10
N VAL A 158 -17.50 5.52 8.33
CA VAL A 158 -16.72 5.66 9.55
C VAL A 158 -16.07 7.04 9.61
N GLY A 159 -15.76 7.61 8.44
CA GLY A 159 -15.23 8.97 8.41
C GLY A 159 -16.26 9.99 8.87
N ASP A 160 -17.46 9.96 8.28
CA ASP A 160 -18.55 10.81 8.76
C ASP A 160 -18.87 10.53 10.22
N GLN A 161 -18.86 9.26 10.61
CA GLN A 161 -19.17 8.92 11.99
C GLN A 161 -18.15 9.53 12.93
N LEU A 162 -16.86 9.25 12.70
CA LEU A 162 -15.79 9.88 13.46
C LEU A 162 -15.85 11.40 13.35
N GLY A 163 -16.13 11.92 12.16
CA GLY A 163 -16.05 13.36 11.94
C GLY A 163 -17.01 14.14 12.83
N THR A 164 -18.27 13.72 12.88
CA THR A 164 -19.26 14.43 13.67
C THR A 164 -19.20 14.09 15.16
N ILE A 165 -18.50 13.02 15.54
CA ILE A 165 -18.24 12.79 16.96
C ILE A 165 -17.25 13.83 17.47
N PHE A 166 -16.19 14.10 16.71
CA PHE A 166 -15.25 15.15 17.08
C PHE A 166 -15.89 16.53 16.99
N GLY A 167 -16.86 16.70 16.09
CA GLY A 167 -17.61 17.95 16.04
C GLY A 167 -18.39 18.21 17.31
N LYS A 168 -18.79 17.15 18.01
CA LYS A 168 -19.44 17.33 19.32
C LYS A 168 -18.42 17.75 20.37
N GLY A 169 -17.18 17.26 20.26
CA GLY A 169 -16.17 17.58 21.24
C GLY A 169 -15.67 19.01 21.15
N ILE A 170 -15.62 19.57 19.93
CA ILE A 170 -15.15 20.94 19.76
C ILE A 170 -16.26 21.97 19.96
N ALA A 171 -17.52 21.61 19.77
CA ALA A 171 -18.61 22.54 20.05
C ALA A 171 -18.62 22.94 21.52
N LYS A 172 -18.34 21.99 22.41
CA LYS A 172 -18.18 22.32 23.82
C LYS A 172 -16.94 23.16 24.06
N VAL A 173 -15.87 22.91 23.30
CA VAL A 173 -14.62 23.63 23.50
C VAL A 173 -14.65 25.00 22.81
N GLU A 174 -15.42 25.13 21.72
CA GLU A 174 -15.51 26.40 21.00
C GLU A 174 -16.47 27.40 21.64
N ASP A 175 -16.78 27.25 22.91
CA ASP A 175 -17.55 28.25 23.64
C ASP A 175 -16.85 28.73 24.91
N THR A 176 -16.22 27.82 25.67
CA THR A 176 -15.83 28.14 27.04
C THR A 176 -14.68 29.14 27.11
N PHE A 177 -13.76 29.14 26.14
CA PHE A 177 -12.71 30.15 26.13
C PHE A 177 -12.70 30.91 24.81
N ILE A 178 -13.85 30.99 24.14
CA ILE A 178 -13.92 31.64 22.84
C ILE A 178 -14.65 32.98 22.89
N LYS A 179 -15.58 33.17 23.83
CA LYS A 179 -16.00 34.53 24.19
C LYS A 179 -14.83 35.30 24.75
N TRP A 180 -14.01 34.64 25.57
CA TRP A 180 -12.86 35.27 26.18
C TRP A 180 -11.81 35.56 25.10
N ASN A 181 -10.71 36.22 25.51
CA ASN A 181 -9.91 37.11 24.66
C ASN A 181 -9.71 36.71 23.20
N VAL A 182 -9.20 35.50 22.94
CA VAL A 182 -8.69 35.20 21.59
C VAL A 182 -9.83 35.12 20.60
N SER A 183 -9.56 35.56 19.37
CA SER A 183 -10.57 35.69 18.32
C SER A 183 -10.75 34.39 17.55
N GLN A 184 -11.94 34.24 16.97
CA GLN A 184 -12.32 33.01 16.27
C GLN A 184 -11.53 32.78 14.99
N THR A 185 -11.04 33.83 14.34
CA THR A 185 -10.15 33.62 13.20
C THR A 185 -8.84 32.98 13.64
N LYS A 186 -8.46 33.15 14.90
CA LYS A 186 -7.24 32.57 15.44
C LYS A 186 -7.50 31.30 16.24
N ILE A 187 -8.73 31.08 16.70
CA ILE A 187 -9.10 29.84 17.36
C ILE A 187 -9.07 28.66 16.38
N ARG A 188 -9.23 28.92 15.08
CA ARG A 188 -9.05 27.88 14.09
C ARG A 188 -7.70 27.20 14.23
N ILE A 189 -6.71 27.92 14.75
CA ILE A 189 -5.40 27.33 15.01
C ILE A 189 -5.42 26.46 16.26
N ILE A 190 -6.06 26.95 17.33
CA ILE A 190 -6.09 26.20 18.58
C ILE A 190 -6.89 24.91 18.42
N SER A 191 -7.99 24.96 17.66
CA SER A 191 -8.84 23.78 17.53
C SER A 191 -8.16 22.67 16.75
N THR A 192 -7.41 23.01 15.70
CA THR A 192 -6.74 21.98 14.91
C THR A 192 -5.58 21.36 15.67
N ILE A 193 -4.98 22.09 16.62
CA ILE A 193 -3.95 21.50 17.46
C ILE A 193 -4.52 20.39 18.32
N ILE A 194 -5.72 20.61 18.87
CA ILE A 194 -6.32 19.62 19.77
C ILE A 194 -6.75 18.38 18.99
N PHE A 195 -7.07 18.53 17.71
CA PHE A 195 -7.36 17.37 16.87
C PHE A 195 -6.14 16.47 16.76
N ILE A 196 -5.01 17.03 16.33
CA ILE A 196 -3.80 16.24 16.14
C ILE A 196 -3.28 15.74 17.48
N LEU A 197 -3.34 16.58 18.51
CA LEU A 197 -2.86 16.17 19.83
C LEU A 197 -3.69 15.01 20.36
N PHE A 198 -4.99 15.22 20.54
CA PHE A 198 -5.86 14.15 21.04
C PHE A 198 -5.94 12.98 20.06
N GLY A 199 -5.73 13.25 18.77
CA GLY A 199 -5.81 12.19 17.78
C GLY A 199 -4.62 11.25 17.83
N CYS A 200 -3.40 11.80 17.78
CA CYS A 200 -2.21 10.98 17.87
C CYS A 200 -2.08 10.25 19.21
N VAL A 201 -2.89 10.63 20.20
CA VAL A 201 -2.94 9.85 21.44
C VAL A 201 -3.73 8.57 21.24
N LEU A 202 -4.95 8.69 20.73
CA LEU A 202 -5.83 7.52 20.61
C LEU A 202 -5.41 6.62 19.46
N PHE A 203 -5.01 7.20 18.32
CA PHE A 203 -4.81 6.42 17.11
C PHE A 203 -3.35 6.08 16.84
N VAL A 204 -2.40 6.72 17.52
CA VAL A 204 -0.98 6.48 17.33
C VAL A 204 -0.29 6.08 18.63
N ALA A 205 -0.52 6.85 19.70
CA ALA A 205 0.19 6.61 20.95
C ALA A 205 -0.27 5.33 21.62
N LEU A 206 -1.57 5.25 21.95
CA LEU A 206 -2.09 4.07 22.64
C LEU A 206 -1.85 2.77 21.88
N PRO A 207 -2.12 2.65 20.57
CA PRO A 207 -1.84 1.38 19.90
C PRO A 207 -0.37 1.05 19.85
N ALA A 208 0.51 2.06 19.71
CA ALA A 208 1.95 1.78 19.71
C ALA A 208 2.40 1.27 21.07
N VAL A 209 1.88 1.86 22.16
CA VAL A 209 2.21 1.38 23.50
C VAL A 209 1.73 -0.06 23.67
N ILE A 210 0.54 -0.38 23.14
CA ILE A 210 0.01 -1.73 23.23
C ILE A 210 0.84 -2.71 22.39
N PHE A 211 1.16 -2.31 21.16
CA PHE A 211 2.02 -3.13 20.30
C PHE A 211 3.40 -3.32 20.91
N LYS A 212 3.89 -2.31 21.64
CA LYS A 212 5.19 -2.41 22.29
C LYS A 212 5.22 -3.51 23.35
N HIS A 213 4.10 -3.76 24.02
CA HIS A 213 4.04 -4.69 25.14
C HIS A 213 3.41 -6.04 24.77
N ILE A 214 2.96 -6.22 23.52
CA ILE A 214 2.41 -7.51 23.06
C ILE A 214 3.38 -8.22 22.10
N GLU A 215 3.76 -7.58 21.00
CA GLU A 215 4.82 -8.11 20.15
C GLU A 215 6.21 -7.77 20.64
N GLY A 216 6.34 -7.08 21.78
CA GLY A 216 7.66 -6.79 22.29
C GLY A 216 8.51 -5.89 21.43
N TRP A 217 7.88 -5.14 20.52
CA TRP A 217 8.60 -4.23 19.64
C TRP A 217 9.28 -3.14 20.46
N SER A 218 10.14 -2.37 19.79
CA SER A 218 10.75 -1.20 20.40
C SER A 218 9.75 -0.06 20.38
N ALA A 219 10.19 1.13 20.81
CA ALA A 219 9.30 2.29 20.73
C ALA A 219 9.14 2.76 19.29
N LEU A 220 10.22 2.77 18.53
CA LEU A 220 10.15 3.23 17.15
C LEU A 220 9.43 2.22 16.26
N ASP A 221 9.68 0.92 16.48
CA ASP A 221 9.02 -0.12 15.69
C ASP A 221 7.51 0.03 15.74
N ALA A 222 6.95 0.28 16.92
CA ALA A 222 5.52 0.41 17.06
C ALA A 222 5.00 1.65 16.35
N ILE A 223 5.67 2.79 16.52
CA ILE A 223 5.25 4.01 15.85
C ILE A 223 5.46 3.88 14.34
N TYR A 224 6.56 3.24 13.93
CA TYR A 224 6.78 2.96 12.51
C TYR A 224 5.65 2.09 11.96
N PHE A 225 5.26 1.05 12.70
CA PHE A 225 4.18 0.19 12.25
C PHE A 225 2.87 0.96 12.11
N VAL A 226 2.54 1.80 13.11
CA VAL A 226 1.29 2.56 13.07
C VAL A 226 1.23 3.43 11.81
N VAL A 227 2.32 4.16 11.53
CA VAL A 227 2.35 5.02 10.36
C VAL A 227 2.23 4.18 9.09
N ILE A 228 3.11 3.18 8.93
CA ILE A 228 3.10 2.34 7.74
C ILE A 228 1.76 1.66 7.56
N THR A 229 1.08 1.32 8.66
CA THR A 229 -0.24 0.70 8.55
C THR A 229 -1.29 1.71 8.11
N LEU A 230 -1.41 2.81 8.85
CA LEU A 230 -2.52 3.74 8.64
C LEU A 230 -2.28 4.68 7.45
N THR A 231 -1.02 4.85 7.01
CA THR A 231 -0.77 5.51 5.74
C THR A 231 -1.02 4.60 4.54
N THR A 232 -1.41 3.34 4.79
CA THR A 232 -1.70 2.33 3.79
C THR A 232 -0.48 1.93 2.97
N ILE A 233 0.72 2.36 3.37
CA ILE A 233 1.92 1.94 2.66
C ILE A 233 2.13 0.43 2.84
N GLY A 234 2.11 -0.03 4.08
CA GLY A 234 2.13 -1.45 4.40
C GLY A 234 3.28 -2.23 3.81
N PHE A 235 4.52 -1.89 4.19
CA PHE A 235 5.66 -2.66 3.72
C PHE A 235 5.53 -4.13 4.09
N GLY A 236 4.96 -4.40 5.26
CA GLY A 236 4.90 -5.75 5.77
C GLY A 236 6.12 -6.18 6.56
N ASP A 237 7.13 -5.31 6.68
CA ASP A 237 8.29 -5.65 7.50
C ASP A 237 7.90 -5.79 8.97
N TYR A 238 6.86 -5.08 9.40
CA TYR A 238 6.28 -5.25 10.73
C TYR A 238 4.79 -5.45 10.57
N VAL A 239 4.28 -6.56 11.10
CA VAL A 239 2.86 -6.87 11.07
C VAL A 239 2.46 -7.38 12.44
N ALA A 240 1.29 -6.94 12.93
CA ALA A 240 0.81 -7.37 14.24
C ALA A 240 0.34 -8.82 14.25
N GLY A 241 0.40 -9.52 13.13
CA GLY A 241 -0.06 -10.89 13.06
C GLY A 241 1.02 -11.90 12.67
N GLY A 242 2.09 -11.42 12.02
CA GLY A 242 3.20 -12.26 11.66
C GLY A 242 4.20 -12.40 12.81
N SER A 243 5.10 -13.37 12.66
CA SER A 243 6.01 -13.75 13.75
C SER A 243 5.18 -14.12 14.99
N ASP A 244 4.49 -15.26 14.86
CA ASP A 244 3.19 -15.49 15.48
C ASP A 244 3.20 -16.46 16.66
N ILE A 245 4.12 -16.28 17.60
CA ILE A 245 4.20 -17.22 18.73
C ILE A 245 3.07 -16.99 19.72
N GLU A 246 2.82 -15.74 20.12
CA GLU A 246 1.86 -15.44 21.17
C GLU A 246 0.94 -14.31 20.74
N TYR A 247 -0.36 -14.60 20.66
CA TYR A 247 -1.44 -13.62 20.69
C TYR A 247 -2.77 -14.37 20.72
N LEU A 248 -3.75 -13.77 21.39
CA LEU A 248 -5.05 -14.38 21.65
C LEU A 248 -6.11 -13.82 20.71
N ASP A 249 -7.33 -14.35 20.82
CA ASP A 249 -8.43 -13.95 19.95
C ASP A 249 -9.12 -12.67 20.39
N PHE A 250 -8.64 -12.05 21.47
CA PHE A 250 -9.10 -10.72 21.85
C PHE A 250 -8.25 -9.63 21.20
N TYR A 251 -7.15 -10.01 20.55
CA TYR A 251 -6.17 -9.11 19.98
C TYR A 251 -6.34 -8.92 18.47
N LYS A 252 -6.35 -10.01 17.71
CA LYS A 252 -6.42 -9.92 16.25
C LYS A 252 -7.70 -9.29 15.72
N PRO A 253 -8.84 -9.31 16.43
CA PRO A 253 -9.96 -8.49 15.94
C PRO A 253 -9.74 -7.00 16.15
N VAL A 254 -9.20 -6.60 17.32
CA VAL A 254 -9.01 -5.20 17.63
C VAL A 254 -8.00 -4.54 16.69
N VAL A 255 -7.09 -5.34 16.12
CA VAL A 255 -6.09 -4.78 15.20
C VAL A 255 -6.78 -4.18 13.98
N TRP A 256 -7.57 -4.99 13.28
CA TRP A 256 -8.26 -4.47 12.10
C TRP A 256 -9.27 -3.41 12.45
N PHE A 257 -9.91 -3.52 13.63
CA PHE A 257 -10.86 -2.51 14.07
C PHE A 257 -10.15 -1.18 14.31
N TRP A 258 -8.98 -1.22 14.95
CA TRP A 258 -8.10 -0.06 15.02
C TRP A 258 -7.76 0.47 13.64
N ILE A 259 -7.44 -0.42 12.70
CA ILE A 259 -7.09 0.02 11.35
C ILE A 259 -8.23 0.78 10.71
N LEU A 260 -9.44 0.20 10.77
CA LEU A 260 -10.63 0.84 10.19
C LEU A 260 -10.77 2.28 10.64
N VAL A 261 -10.68 2.51 11.95
CA VAL A 261 -10.89 3.87 12.46
C VAL A 261 -9.61 4.70 12.31
N GLY A 262 -8.45 4.06 12.46
CA GLY A 262 -7.20 4.77 12.27
C GLY A 262 -6.99 5.25 10.85
N LEU A 263 -7.40 4.45 9.87
CA LEU A 263 -7.34 4.89 8.47
C LEU A 263 -8.12 6.17 8.27
N ALA A 264 -9.28 6.30 8.92
CA ALA A 264 -10.04 7.54 8.84
C ALA A 264 -9.29 8.71 9.45
N TYR A 265 -8.46 8.44 10.47
CA TYR A 265 -7.73 9.52 11.12
C TYR A 265 -6.63 10.09 10.22
N PHE A 266 -5.72 9.22 9.73
CA PHE A 266 -4.68 9.72 8.83
C PHE A 266 -5.29 10.28 7.55
N ALA A 267 -6.39 9.69 7.07
CA ALA A 267 -7.06 10.23 5.89
C ALA A 267 -7.38 11.71 6.07
N ALA A 268 -7.84 12.09 7.26
CA ALA A 268 -7.99 13.50 7.58
C ALA A 268 -6.62 14.17 7.73
N VAL A 269 -5.72 13.54 8.46
CA VAL A 269 -4.39 14.11 8.70
C VAL A 269 -3.65 14.30 7.37
N LEU A 270 -3.53 13.23 6.58
CA LEU A 270 -2.86 13.33 5.30
C LEU A 270 -3.60 14.23 4.31
N SER A 271 -4.85 14.60 4.61
CA SER A 271 -5.53 15.63 3.84
C SER A 271 -5.29 17.02 4.40
N MET A 272 -5.16 17.15 5.72
CA MET A 272 -4.79 18.44 6.30
C MET A 272 -3.39 18.85 5.87
N ILE A 273 -2.45 17.91 5.93
CA ILE A 273 -1.09 18.19 5.48
C ILE A 273 -1.08 18.61 4.03
N GLY A 274 -1.93 17.99 3.21
CA GLY A 274 -2.09 18.44 1.84
C GLY A 274 -2.55 19.88 1.75
N ASP A 275 -3.47 20.27 2.63
CA ASP A 275 -3.94 21.66 2.64
C ASP A 275 -2.81 22.61 3.04
N TRP A 276 -1.96 22.20 3.98
CA TRP A 276 -0.79 23.00 4.31
C TRP A 276 0.11 23.19 3.10
N LEU A 277 0.27 22.14 2.29
CA LEU A 277 1.10 22.26 1.10
C LEU A 277 0.42 23.11 0.04
N ARG A 278 -0.91 23.10 -0.02
CA ARG A 278 -1.64 23.99 -0.91
C ARG A 278 -1.47 25.45 -0.49
N VAL A 279 -1.46 25.71 0.83
CA VAL A 279 -1.23 27.07 1.31
C VAL A 279 0.20 27.51 0.98
N ILE A 280 1.18 26.69 1.33
CA ILE A 280 2.57 27.03 1.08
C ILE A 280 2.83 27.20 -0.42
N ALA A 281 2.15 26.40 -1.25
CA ALA A 281 2.31 26.53 -2.69
C ALA A 281 1.82 27.90 -3.18
N LYS A 282 0.64 28.32 -2.71
CA LYS A 282 0.13 29.64 -3.08
C LYS A 282 1.00 30.76 -2.51
N LYS A 283 1.48 30.60 -1.27
CA LYS A 283 2.34 31.61 -0.68
C LYS A 283 3.62 31.80 -1.49
N THR A 284 4.25 30.70 -1.89
CA THR A 284 5.48 30.79 -2.67
C THR A 284 5.23 31.03 -4.15
N LYS A 285 3.99 30.92 -4.62
CA LYS A 285 3.69 31.30 -6.00
C LYS A 285 3.64 32.82 -6.15
N GLU A 286 2.92 33.48 -5.25
CA GLU A 286 2.90 34.94 -5.21
C GLU A 286 4.21 35.53 -4.71
N ALA A 287 5.00 34.76 -3.96
CA ALA A 287 6.29 35.24 -3.48
C ALA A 287 7.24 35.47 -4.65
N VAL A 288 7.31 34.51 -5.57
CA VAL A 288 8.05 34.75 -6.81
C VAL A 288 7.35 35.82 -7.64
N GLY A 289 6.03 35.97 -7.46
CA GLY A 289 5.30 36.99 -8.19
C GLY A 289 5.78 38.39 -7.87
N GLU A 290 5.92 38.72 -6.58
CA GLU A 290 6.32 40.07 -6.21
C GLU A 290 7.81 40.31 -6.48
N PHE A 291 8.63 39.28 -6.27
CA PHE A 291 10.06 39.39 -6.58
C PHE A 291 10.29 39.64 -8.06
N ARG A 292 9.74 38.77 -8.91
CA ARG A 292 9.88 38.97 -10.34
C ARG A 292 9.08 40.16 -10.85
N ALA A 293 8.16 40.69 -10.04
CA ALA A 293 7.51 41.96 -10.38
C ALA A 293 8.49 43.11 -10.29
N HIS A 294 9.17 43.25 -9.15
CA HIS A 294 10.07 44.39 -8.96
C HIS A 294 11.40 44.17 -9.67
N ALA A 295 11.82 42.91 -9.84
CA ALA A 295 13.07 42.63 -10.54
C ALA A 295 13.03 43.20 -11.96
N ALA A 296 12.04 42.79 -12.74
CA ALA A 296 11.91 43.27 -14.12
C ALA A 296 11.42 44.70 -14.20
N GLU A 297 10.89 45.25 -13.11
CA GLU A 297 10.33 46.60 -13.09
C GLU A 297 11.42 47.67 -13.19
N TRP A 298 12.30 47.72 -12.20
CA TRP A 298 13.50 48.55 -12.30
C TRP A 298 14.36 48.19 -13.51
N THR A 299 14.48 46.89 -13.81
CA THR A 299 15.39 46.47 -14.86
C THR A 299 14.98 47.02 -16.23
N ALA A 300 13.68 47.09 -16.49
CA ALA A 300 13.20 47.48 -17.81
C ALA A 300 13.38 48.97 -18.10
N ASN A 301 13.79 49.77 -17.12
CA ASN A 301 13.76 51.22 -17.24
C ASN A 301 15.04 51.71 -17.91
N VAL A 302 14.91 52.27 -19.11
CA VAL A 302 16.02 52.92 -19.79
C VAL A 302 15.59 54.30 -20.28
N SER B 16 -33.97 17.24 12.48
CA SER B 16 -33.28 17.76 11.30
C SER B 16 -31.78 17.60 11.44
N ASP B 17 -31.23 18.18 12.51
CA ASP B 17 -29.77 18.25 12.64
C ASP B 17 -29.19 16.91 13.06
N SER B 18 -29.83 16.22 14.00
CA SER B 18 -29.41 14.88 14.41
C SER B 18 -30.47 13.83 14.08
N ALA B 19 -31.54 14.20 13.39
CA ALA B 19 -32.45 13.19 12.87
C ALA B 19 -31.83 12.48 11.67
N ILE B 20 -31.06 13.20 10.86
CA ILE B 20 -30.35 12.58 9.75
C ILE B 20 -29.22 11.68 10.25
N ASN B 21 -28.67 11.97 11.43
CA ASN B 21 -27.56 11.18 11.95
C ASN B 21 -28.02 9.80 12.37
N VAL B 22 -29.24 9.70 12.91
CA VAL B 22 -29.82 8.38 13.19
C VAL B 22 -29.97 7.59 11.90
N MET B 23 -30.33 8.28 10.81
CA MET B 23 -30.47 7.64 9.51
C MET B 23 -29.12 7.28 8.90
N LYS B 24 -28.02 7.73 9.49
CA LYS B 24 -26.68 7.47 8.97
C LYS B 24 -25.94 6.35 9.70
N TRP B 25 -26.07 6.27 11.03
CA TRP B 25 -25.46 5.13 11.72
C TRP B 25 -26.14 3.83 11.33
N LYS B 26 -27.44 3.87 11.02
CA LYS B 26 -28.11 2.71 10.46
C LYS B 26 -27.58 2.38 9.08
N THR B 27 -27.08 3.40 8.35
CA THR B 27 -26.41 3.13 7.08
C THR B 27 -25.03 2.52 7.31
N VAL B 28 -24.30 3.02 8.31
CA VAL B 28 -22.96 2.51 8.59
C VAL B 28 -23.04 1.06 9.06
N SER B 29 -23.97 0.76 9.98
CA SER B 29 -24.08 -0.60 10.51
C SER B 29 -24.35 -1.61 9.40
N THR B 30 -25.19 -1.23 8.42
CA THR B 30 -25.44 -2.12 7.29
C THR B 30 -24.20 -2.29 6.43
N ILE B 31 -23.44 -1.21 6.22
CA ILE B 31 -22.21 -1.32 5.46
C ILE B 31 -21.19 -2.17 6.21
N PHE B 32 -21.05 -1.92 7.51
CA PHE B 32 -20.07 -2.65 8.33
C PHE B 32 -20.23 -4.16 8.18
N LEU B 33 -21.48 -4.63 8.26
CA LEU B 33 -21.73 -6.07 8.18
C LEU B 33 -21.53 -6.60 6.77
N VAL B 34 -21.84 -5.81 5.75
CA VAL B 34 -21.55 -6.21 4.37
C VAL B 34 -20.05 -6.40 4.19
N VAL B 35 -19.25 -5.51 4.78
CA VAL B 35 -17.80 -5.64 4.69
C VAL B 35 -17.33 -6.86 5.48
N VAL B 36 -17.89 -7.08 6.66
CA VAL B 36 -17.53 -8.25 7.46
C VAL B 36 -17.87 -9.53 6.71
N LEU B 37 -19.10 -9.62 6.19
CA LEU B 37 -19.48 -10.76 5.37
C LEU B 37 -18.55 -10.91 4.17
N TYR B 38 -18.20 -9.79 3.52
CA TYR B 38 -17.33 -9.84 2.36
C TYR B 38 -15.94 -10.35 2.73
N LEU B 39 -15.47 -10.02 3.93
CA LEU B 39 -14.17 -10.53 4.38
C LEU B 39 -14.24 -12.01 4.72
N ILE B 40 -15.35 -12.44 5.34
CA ILE B 40 -15.53 -13.86 5.64
C ILE B 40 -15.56 -14.68 4.37
N ILE B 41 -16.29 -14.19 3.35
CA ILE B 41 -16.35 -14.89 2.07
C ILE B 41 -14.96 -15.04 1.47
N GLY B 42 -14.26 -13.92 1.32
CA GLY B 42 -12.89 -13.98 0.81
C GLY B 42 -12.01 -14.88 1.64
N ALA B 43 -12.10 -14.76 2.97
CA ALA B 43 -11.34 -15.62 3.86
C ALA B 43 -11.51 -17.09 3.51
N THR B 44 -12.76 -17.56 3.52
CA THR B 44 -13.04 -18.97 3.23
C THR B 44 -12.56 -19.36 1.84
N VAL B 45 -12.65 -18.44 0.88
CA VAL B 45 -12.20 -18.76 -0.48
C VAL B 45 -10.68 -18.90 -0.52
N PHE B 46 -9.96 -18.00 0.15
CA PHE B 46 -8.50 -18.07 0.13
C PHE B 46 -7.98 -19.31 0.85
N LYS B 47 -8.44 -19.55 2.09
CA LYS B 47 -8.01 -20.74 2.80
C LYS B 47 -8.53 -22.03 2.17
N ALA B 48 -9.45 -21.95 1.21
CA ALA B 48 -9.76 -23.10 0.37
C ALA B 48 -8.79 -23.20 -0.80
N LEU B 49 -8.41 -22.05 -1.37
CA LEU B 49 -7.51 -22.03 -2.52
C LEU B 49 -6.06 -22.29 -2.13
N GLU B 50 -5.63 -21.80 -0.97
CA GLU B 50 -4.21 -21.73 -0.66
C GLU B 50 -3.74 -22.80 0.31
N GLN B 51 -4.53 -23.12 1.33
CA GLN B 51 -4.04 -24.07 2.34
C GLN B 51 -3.72 -25.46 1.80
N PRO B 52 -4.35 -25.96 0.72
CA PRO B 52 -3.81 -27.18 0.08
C PRO B 52 -2.36 -27.06 -0.34
N GLN B 53 -2.00 -26.00 -1.08
CA GLN B 53 -0.62 -25.81 -1.47
C GLN B 53 0.28 -25.43 -0.30
N GLU B 54 -0.31 -25.00 0.83
CA GLU B 54 0.49 -24.84 2.04
C GLU B 54 0.82 -26.18 2.66
N ILE B 55 -0.17 -27.07 2.74
CA ILE B 55 0.05 -28.40 3.32
C ILE B 55 1.13 -29.14 2.55
N SER B 56 1.05 -29.12 1.22
CA SER B 56 2.04 -29.83 0.41
C SER B 56 3.43 -29.27 0.61
N GLN B 57 3.56 -27.95 0.67
CA GLN B 57 4.88 -27.34 0.88
C GLN B 57 5.37 -27.55 2.31
N ARG B 58 4.46 -27.51 3.29
CA ARG B 58 4.86 -27.68 4.68
C ARG B 58 5.30 -29.11 4.96
N THR B 59 4.64 -30.09 4.35
CA THR B 59 5.01 -31.49 4.59
C THR B 59 6.26 -31.88 3.83
N THR B 60 6.44 -31.38 2.61
CA THR B 60 7.61 -31.72 1.81
C THR B 60 8.85 -30.94 2.21
N ILE B 61 8.75 -29.99 3.13
CA ILE B 61 9.95 -29.34 3.66
C ILE B 61 10.47 -30.06 4.90
N VAL B 62 9.60 -30.79 5.61
CA VAL B 62 10.07 -31.64 6.69
C VAL B 62 10.73 -32.90 6.14
N ILE B 63 10.37 -33.29 4.91
CA ILE B 63 11.11 -34.35 4.23
C ILE B 63 12.53 -33.90 3.93
N GLN B 64 12.68 -32.68 3.38
CA GLN B 64 14.01 -32.12 3.20
C GLN B 64 14.68 -31.82 4.53
N ARG B 65 13.89 -31.49 5.56
CA ARG B 65 14.41 -31.42 6.92
C ARG B 65 15.02 -32.75 7.34
N GLU B 66 14.19 -33.80 7.42
CA GLU B 66 14.67 -35.09 7.90
C GLU B 66 15.66 -35.74 6.93
N LYS B 67 15.62 -35.36 5.65
CA LYS B 67 16.66 -35.79 4.73
C LYS B 67 18.03 -35.32 5.17
N PHE B 68 18.13 -34.03 5.54
CA PHE B 68 19.41 -33.43 5.89
C PHE B 68 19.73 -33.62 7.37
N LEU B 69 18.80 -34.15 8.16
CA LEU B 69 19.09 -34.50 9.55
C LEU B 69 19.91 -35.78 9.64
N ARG B 70 19.53 -36.80 8.86
CA ARG B 70 20.27 -38.06 8.84
C ARG B 70 21.54 -37.93 8.00
N ALA B 71 21.41 -37.42 6.77
CA ALA B 71 22.50 -37.47 5.79
C ALA B 71 23.77 -36.78 6.27
N HIS B 72 23.68 -35.95 7.29
CA HIS B 72 24.85 -35.26 7.85
C HIS B 72 24.73 -35.29 9.37
N PRO B 73 25.08 -36.41 10.00
CA PRO B 73 24.89 -36.52 11.46
C PRO B 73 25.78 -35.58 12.23
N CYS B 74 27.00 -35.34 11.76
CA CYS B 74 27.99 -34.55 12.46
C CYS B 74 27.79 -33.04 12.33
N VAL B 75 26.71 -32.59 11.70
CA VAL B 75 26.27 -31.20 11.87
C VAL B 75 25.46 -31.13 13.16
N SER B 76 25.44 -29.95 13.77
CA SER B 76 24.63 -29.77 14.97
C SER B 76 23.16 -29.94 14.61
N ASP B 77 22.56 -31.04 15.06
CA ASP B 77 21.24 -31.43 14.60
C ASP B 77 20.18 -30.39 14.96
N GLN B 78 20.32 -29.72 16.10
CA GLN B 78 19.36 -28.70 16.50
C GLN B 78 19.80 -27.29 16.15
N GLU B 79 21.11 -27.06 15.94
CA GLU B 79 21.57 -25.75 15.52
C GLU B 79 21.40 -25.52 14.02
N LEU B 80 20.87 -26.49 13.28
CA LEU B 80 20.41 -26.22 11.93
C LEU B 80 19.33 -25.16 11.93
N ASP B 81 18.35 -25.28 12.83
CA ASP B 81 17.31 -24.28 12.95
C ASP B 81 17.90 -22.92 13.30
N GLU B 82 18.99 -22.89 14.06
CA GLU B 82 19.65 -21.63 14.37
C GLU B 82 20.26 -21.00 13.13
N LEU B 83 20.78 -21.84 12.22
CA LEU B 83 21.33 -21.32 10.97
C LEU B 83 20.22 -20.84 10.04
N ILE B 84 19.13 -21.59 9.95
CA ILE B 84 18.03 -21.21 9.07
C ILE B 84 17.49 -19.84 9.46
N GLN B 85 17.29 -19.63 10.77
CA GLN B 85 16.75 -18.35 11.24
C GLN B 85 17.73 -17.21 10.99
N GLN B 86 19.04 -17.49 11.04
CA GLN B 86 20.02 -16.48 10.65
C GLN B 86 19.95 -16.18 9.15
N ILE B 87 19.58 -17.17 8.35
CA ILE B 87 19.35 -16.93 6.93
C ILE B 87 18.01 -16.24 6.72
N VAL B 88 16.99 -16.66 7.47
CA VAL B 88 15.70 -15.97 7.44
C VAL B 88 15.87 -14.49 7.76
N ALA B 89 16.65 -14.19 8.80
CA ALA B 89 16.94 -12.79 9.09
C ALA B 89 17.76 -12.15 7.98
N ALA B 90 18.65 -12.92 7.35
CA ALA B 90 19.41 -12.41 6.22
C ALA B 90 18.52 -12.24 4.98
N ILE B 91 17.48 -13.07 4.83
CA ILE B 91 16.53 -12.89 3.74
C ILE B 91 15.88 -11.52 3.82
N ASN B 92 15.61 -11.03 5.04
CA ASN B 92 15.02 -9.72 5.23
C ASN B 92 15.87 -8.59 4.65
N ALA B 93 17.12 -8.87 4.29
CA ALA B 93 17.99 -7.92 3.61
C ALA B 93 18.37 -8.49 2.23
N GLY B 94 19.04 -7.65 1.44
CA GLY B 94 19.40 -8.00 0.09
C GLY B 94 20.67 -8.84 -0.02
N ILE B 95 20.55 -10.13 0.27
CA ILE B 95 21.69 -11.02 0.39
C ILE B 95 21.81 -11.90 -0.85
N ILE B 96 23.02 -12.39 -1.08
CA ILE B 96 23.30 -13.52 -1.96
C ILE B 96 24.33 -14.39 -1.24
N PRO B 97 23.91 -15.23 -0.27
CA PRO B 97 24.84 -16.05 0.52
C PRO B 97 25.24 -17.37 -0.12
N LEU B 98 26.20 -17.34 -1.05
CA LEU B 98 26.64 -18.52 -1.75
C LEU B 98 28.16 -18.62 -1.71
N GLY B 99 28.67 -19.82 -2.03
CA GLY B 99 30.10 -20.03 -2.11
C GLY B 99 30.74 -19.13 -3.15
N ALA B 100 30.30 -19.27 -4.40
CA ALA B 100 30.62 -18.29 -5.42
C ALA B 100 29.61 -17.15 -5.36
N SER B 101 29.81 -16.14 -6.21
CA SER B 101 28.95 -14.96 -6.23
C SER B 101 28.89 -14.29 -4.86
N SER B 102 30.06 -14.14 -4.24
CA SER B 102 30.17 -13.45 -2.97
C SER B 102 30.34 -11.94 -3.13
N ASN B 103 30.46 -11.46 -4.36
CA ASN B 103 30.18 -10.07 -4.67
C ASN B 103 28.74 -9.97 -5.17
N GLN B 104 28.13 -8.82 -4.98
CA GLN B 104 26.71 -8.68 -5.26
C GLN B 104 26.45 -7.28 -5.81
N VAL B 105 25.17 -6.91 -5.84
CA VAL B 105 24.74 -5.56 -6.15
C VAL B 105 24.10 -4.99 -4.89
N SER B 106 23.96 -3.66 -4.85
CA SER B 106 23.33 -2.98 -3.73
C SER B 106 21.84 -2.78 -4.01
N HIS B 107 21.03 -3.06 -2.99
CA HIS B 107 19.60 -2.75 -3.03
C HIS B 107 19.30 -1.33 -2.57
N TRP B 108 20.31 -0.58 -2.16
CA TRP B 108 20.13 0.84 -1.89
C TRP B 108 21.09 1.65 -2.76
N ASP B 109 21.14 1.33 -4.06
CA ASP B 109 22.06 2.03 -4.95
C ASP B 109 21.43 3.35 -5.38
N LEU B 110 22.02 3.99 -6.40
CA LEU B 110 21.52 5.28 -6.86
C LEU B 110 20.08 5.18 -7.38
N GLY B 111 19.73 4.06 -8.00
CA GLY B 111 18.42 3.92 -8.61
C GLY B 111 17.38 3.26 -7.72
N SER B 112 17.80 2.34 -6.86
CA SER B 112 16.84 1.58 -6.05
C SER B 112 16.16 2.47 -5.02
N SER B 113 16.96 3.28 -4.30
CA SER B 113 16.37 4.19 -3.32
C SER B 113 15.44 5.20 -3.98
N PHE B 114 15.69 5.52 -5.26
CA PHE B 114 14.75 6.34 -6.02
C PHE B 114 13.43 5.61 -6.21
N PHE B 115 13.48 4.31 -6.48
CA PHE B 115 12.26 3.53 -6.68
C PHE B 115 11.60 3.20 -5.35
N PHE B 116 12.39 3.08 -4.27
CA PHE B 116 11.82 2.92 -2.94
C PHE B 116 10.98 4.12 -2.55
N ALA B 117 11.47 5.33 -2.82
CA ALA B 117 10.71 6.53 -2.51
C ALA B 117 9.40 6.59 -3.29
N GLY B 118 9.40 6.08 -4.52
CA GLY B 118 8.16 6.02 -5.29
C GLY B 118 7.13 5.11 -4.64
N THR B 119 7.59 4.02 -4.02
CA THR B 119 6.67 3.12 -3.32
C THR B 119 6.04 3.81 -2.11
N VAL B 120 6.79 4.70 -1.45
CA VAL B 120 6.33 5.28 -0.20
C VAL B 120 5.26 6.33 -0.44
N ILE B 121 5.52 7.27 -1.35
CA ILE B 121 4.60 8.39 -1.53
C ILE B 121 3.33 7.93 -2.25
N THR B 122 3.43 6.91 -3.10
CA THR B 122 2.25 6.33 -3.73
C THR B 122 1.52 5.35 -2.83
N THR B 123 2.04 5.10 -1.63
CA THR B 123 1.48 4.14 -0.68
C THR B 123 1.38 2.74 -1.28
N ILE B 124 2.20 2.44 -2.29
CA ILE B 124 2.30 1.08 -2.77
C ILE B 124 3.11 0.23 -1.80
N GLY B 125 4.34 0.67 -1.51
CA GLY B 125 5.18 0.01 -0.52
C GLY B 125 5.37 -1.47 -0.75
N PHE B 126 6.08 -1.85 -1.82
CA PHE B 126 6.27 -3.27 -2.11
C PHE B 126 6.98 -3.98 -0.96
N GLY B 127 7.87 -3.28 -0.24
CA GLY B 127 8.51 -3.85 0.91
C GLY B 127 9.70 -4.74 0.63
N ASN B 128 9.95 -5.10 -0.63
CA ASN B 128 11.16 -5.84 -0.96
C ASN B 128 12.41 -5.10 -0.53
N ILE B 129 12.35 -3.78 -0.50
CA ILE B 129 13.40 -2.94 0.07
C ILE B 129 12.74 -2.12 1.18
N SER B 130 13.16 -2.36 2.43
CA SER B 130 12.63 -1.64 3.58
C SER B 130 13.78 -1.15 4.45
N PRO B 131 13.62 0.02 5.07
CA PRO B 131 14.73 0.60 5.83
C PRO B 131 14.99 -0.15 7.12
N ARG B 132 16.26 -0.36 7.41
CA ARG B 132 16.67 -1.08 8.61
C ARG B 132 17.25 -0.17 9.67
N THR B 133 17.84 0.96 9.28
CA THR B 133 18.34 1.92 10.25
C THR B 133 17.17 2.58 10.97
N GLU B 134 17.35 2.84 12.26
CA GLU B 134 16.36 3.61 12.99
C GLU B 134 16.21 5.01 12.41
N GLY B 135 17.29 5.55 11.84
CA GLY B 135 17.18 6.81 11.13
C GLY B 135 16.36 6.68 9.85
N GLY B 136 16.66 5.64 9.05
CA GLY B 136 15.90 5.38 7.84
C GLY B 136 14.41 5.22 8.09
N LYS B 137 14.06 4.60 9.23
CA LYS B 137 12.67 4.49 9.61
C LYS B 137 12.07 5.86 9.87
N ILE B 138 12.76 6.69 10.66
CA ILE B 138 12.21 7.98 11.05
C ILE B 138 12.14 8.91 9.85
N PHE B 139 13.14 8.85 8.96
CA PHE B 139 13.04 9.61 7.71
C PHE B 139 11.85 9.13 6.90
N CYS B 140 11.69 7.81 6.76
CA CYS B 140 10.55 7.26 6.03
C CYS B 140 9.24 7.74 6.63
N ILE B 141 9.13 7.74 7.96
CA ILE B 141 7.92 8.24 8.62
C ILE B 141 7.66 9.69 8.22
N ILE B 142 8.70 10.53 8.30
CA ILE B 142 8.55 11.92 7.90
C ILE B 142 8.44 12.05 6.39
N TYR B 143 9.14 11.19 5.64
CA TYR B 143 9.08 11.26 4.18
C TYR B 143 7.69 10.87 3.68
N ALA B 144 7.00 9.99 4.39
CA ALA B 144 5.67 9.55 4.00
C ALA B 144 4.62 10.61 4.34
N LEU B 145 4.59 11.05 5.59
CA LEU B 145 3.56 11.98 6.05
C LEU B 145 3.59 13.30 5.28
N LEU B 146 4.70 13.63 4.64
CA LEU B 146 4.78 14.81 3.78
C LEU B 146 4.75 14.47 2.30
N GLY B 147 5.30 13.32 1.91
CA GLY B 147 5.33 12.92 0.52
C GLY B 147 4.02 12.37 0.00
N ILE B 148 3.30 11.63 0.84
CA ILE B 148 1.99 11.11 0.43
C ILE B 148 1.02 12.22 0.06
N PRO B 149 0.84 13.28 0.86
CA PRO B 149 0.00 14.39 0.38
C PRO B 149 0.56 15.04 -0.88
N LEU B 150 1.88 15.21 -0.95
CA LEU B 150 2.51 15.79 -2.13
C LEU B 150 2.15 15.01 -3.40
N PHE B 151 2.37 13.69 -3.38
CA PHE B 151 2.07 12.87 -4.55
C PHE B 151 0.60 12.97 -4.94
N GLY B 152 -0.29 13.08 -3.95
CA GLY B 152 -1.72 13.18 -4.25
C GLY B 152 -2.05 14.30 -5.22
N PHE B 153 -1.33 15.42 -5.12
CA PHE B 153 -1.59 16.54 -6.01
C PHE B 153 -1.10 16.24 -7.42
N LEU B 154 0.05 15.55 -7.54
CA LEU B 154 0.53 15.14 -8.85
C LEU B 154 -0.45 14.17 -9.50
N LEU B 155 -0.84 13.12 -8.77
CA LEU B 155 -1.83 12.18 -9.29
C LEU B 155 -3.15 12.87 -9.62
N ALA B 156 -3.51 13.90 -8.85
CA ALA B 156 -4.71 14.67 -9.17
C ALA B 156 -4.52 15.47 -10.45
N GLY B 157 -3.36 16.12 -10.61
CA GLY B 157 -3.09 16.84 -11.84
C GLY B 157 -2.98 15.92 -13.05
N VAL B 158 -2.24 14.82 -12.88
CA VAL B 158 -2.16 13.83 -13.95
C VAL B 158 -3.54 13.23 -14.21
N GLY B 159 -4.37 13.14 -13.18
CA GLY B 159 -5.75 12.70 -13.35
C GLY B 159 -6.55 13.65 -14.23
N ASP B 160 -6.56 14.94 -13.87
CA ASP B 160 -7.21 15.94 -14.70
C ASP B 160 -6.57 15.99 -16.08
N GLN B 161 -5.25 15.86 -16.15
CA GLN B 161 -4.56 15.90 -17.44
C GLN B 161 -5.01 14.74 -18.33
N LEU B 162 -4.90 13.51 -17.82
CA LEU B 162 -5.42 12.34 -18.52
C LEU B 162 -6.91 12.48 -18.80
N GLY B 163 -7.67 13.01 -17.84
CA GLY B 163 -9.12 13.03 -17.98
C GLY B 163 -9.59 13.83 -19.19
N THR B 164 -9.05 15.04 -19.35
CA THR B 164 -9.46 15.90 -20.46
C THR B 164 -8.76 15.55 -21.77
N ILE B 165 -7.70 14.73 -21.73
CA ILE B 165 -7.16 14.19 -22.98
C ILE B 165 -8.11 13.16 -23.56
N PHE B 166 -8.65 12.28 -22.71
CA PHE B 166 -9.69 11.37 -23.16
C PHE B 166 -10.95 12.11 -23.56
N GLY B 167 -11.19 13.29 -22.96
CA GLY B 167 -12.31 14.11 -23.40
C GLY B 167 -12.16 14.61 -24.81
N LYS B 168 -10.92 14.79 -25.26
CA LYS B 168 -10.69 15.12 -26.67
C LYS B 168 -11.09 13.97 -27.58
N GLY B 169 -10.62 12.76 -27.25
CA GLY B 169 -10.86 11.62 -28.12
C GLY B 169 -12.31 11.20 -28.19
N ILE B 170 -13.07 11.40 -27.11
CA ILE B 170 -14.48 11.00 -27.12
C ILE B 170 -15.35 12.06 -27.77
N ALA B 171 -14.89 13.31 -27.84
CA ALA B 171 -15.70 14.36 -28.45
C ALA B 171 -15.87 14.13 -29.95
N LYS B 172 -14.80 13.72 -30.64
CA LYS B 172 -14.91 13.41 -32.06
C LYS B 172 -15.69 12.13 -32.29
N VAL B 173 -15.61 11.18 -31.36
CA VAL B 173 -16.30 9.91 -31.53
C VAL B 173 -17.79 10.04 -31.22
N GLU B 174 -18.16 10.89 -30.25
CA GLU B 174 -19.56 11.09 -29.90
C GLU B 174 -20.30 12.01 -30.86
N ASP B 175 -19.72 12.31 -32.02
CA ASP B 175 -20.43 12.98 -33.10
C ASP B 175 -20.65 12.07 -34.30
N THR B 176 -19.63 11.27 -34.67
CA THR B 176 -19.80 10.30 -35.74
C THR B 176 -20.78 9.20 -35.37
N PHE B 177 -21.02 8.98 -34.08
CA PHE B 177 -22.00 8.02 -33.61
C PHE B 177 -23.39 8.64 -33.41
N ILE B 178 -23.63 9.82 -33.99
CA ILE B 178 -24.94 10.46 -33.90
C ILE B 178 -25.66 10.16 -35.21
N LYS B 179 -26.37 9.03 -35.23
CA LYS B 179 -27.26 8.69 -36.31
C LYS B 179 -28.66 9.19 -35.98
N TRP B 180 -29.66 8.75 -36.73
CA TRP B 180 -31.04 9.10 -36.41
C TRP B 180 -31.51 8.28 -35.22
N ASN B 181 -32.33 8.90 -34.36
CA ASN B 181 -32.94 8.21 -33.22
C ASN B 181 -31.90 7.74 -32.20
N VAL B 182 -30.77 8.42 -32.11
CA VAL B 182 -29.79 8.11 -31.08
C VAL B 182 -30.22 8.75 -29.76
N SER B 183 -30.00 8.04 -28.66
CA SER B 183 -30.38 8.51 -27.33
C SER B 183 -29.10 8.79 -26.55
N GLN B 184 -28.91 10.06 -26.17
CA GLN B 184 -27.67 10.44 -25.51
C GLN B 184 -27.55 9.86 -24.12
N THR B 185 -28.68 9.45 -23.51
CA THR B 185 -28.63 8.74 -22.24
C THR B 185 -28.04 7.34 -22.37
N LYS B 186 -28.12 6.74 -23.56
CA LYS B 186 -27.56 5.42 -23.81
C LYS B 186 -26.23 5.46 -24.56
N ILE B 187 -25.87 6.60 -25.14
CA ILE B 187 -24.54 6.76 -25.70
C ILE B 187 -23.50 6.83 -24.57
N ARG B 188 -23.90 7.24 -23.38
CA ARG B 188 -23.01 7.18 -22.23
C ARG B 188 -22.59 5.74 -21.93
N ILE B 189 -23.37 4.76 -22.39
CA ILE B 189 -22.97 3.36 -22.23
C ILE B 189 -21.88 3.01 -23.23
N ILE B 190 -22.02 3.45 -24.49
CA ILE B 190 -21.01 3.18 -25.50
C ILE B 190 -19.70 3.89 -25.14
N SER B 191 -19.78 5.09 -24.57
CA SER B 191 -18.57 5.86 -24.30
C SER B 191 -17.77 5.27 -23.14
N THR B 192 -18.45 4.74 -22.12
CA THR B 192 -17.74 4.12 -21.02
C THR B 192 -17.13 2.78 -21.39
N ILE B 193 -17.65 2.11 -22.43
CA ILE B 193 -17.04 0.88 -22.89
C ILE B 193 -15.69 1.14 -23.52
N ILE B 194 -15.59 2.19 -24.35
CA ILE B 194 -14.33 2.47 -25.02
C ILE B 194 -13.29 3.02 -24.05
N PHE B 195 -13.73 3.57 -22.91
CA PHE B 195 -12.77 3.93 -21.86
C PHE B 195 -12.09 2.70 -21.30
N ILE B 196 -12.87 1.72 -20.85
CA ILE B 196 -12.30 0.51 -20.27
C ILE B 196 -11.56 -0.30 -21.33
N LEU B 197 -12.08 -0.32 -22.55
CA LEU B 197 -11.45 -1.09 -23.63
C LEU B 197 -10.06 -0.55 -23.95
N PHE B 198 -9.99 0.70 -24.45
CA PHE B 198 -8.69 1.34 -24.63
C PHE B 198 -7.90 1.44 -23.33
N GLY B 199 -8.59 1.57 -22.20
CA GLY B 199 -7.91 1.69 -20.93
C GLY B 199 -7.11 0.47 -20.55
N CYS B 200 -7.78 -0.69 -20.51
CA CYS B 200 -7.09 -1.94 -20.18
C CYS B 200 -6.07 -2.34 -21.23
N VAL B 201 -6.09 -1.73 -22.40
CA VAL B 201 -5.06 -1.98 -23.40
C VAL B 201 -3.75 -1.28 -23.02
N LEU B 202 -3.80 0.04 -22.85
CA LEU B 202 -2.57 0.80 -22.63
C LEU B 202 -2.04 0.61 -21.22
N PHE B 203 -2.93 0.52 -20.23
CA PHE B 203 -2.51 0.55 -18.84
C PHE B 203 -2.41 -0.82 -18.19
N VAL B 204 -2.99 -1.86 -18.79
CA VAL B 204 -2.96 -3.21 -18.25
C VAL B 204 -2.36 -4.20 -19.24
N ALA B 205 -2.85 -4.19 -20.49
CA ALA B 205 -2.42 -5.18 -21.47
C ALA B 205 -0.97 -4.96 -21.89
N LEU B 206 -0.67 -3.79 -22.46
CA LEU B 206 0.67 -3.51 -22.95
C LEU B 206 1.74 -3.64 -21.86
N PRO B 207 1.59 -3.07 -20.66
CA PRO B 207 2.65 -3.27 -19.66
C PRO B 207 2.80 -4.70 -19.20
N ALA B 208 1.70 -5.45 -19.12
CA ALA B 208 1.80 -6.87 -18.76
C ALA B 208 2.54 -7.67 -19.82
N VAL B 209 2.29 -7.37 -21.10
CA VAL B 209 3.02 -8.04 -22.18
C VAL B 209 4.49 -7.69 -22.10
N ILE B 210 4.81 -6.44 -21.78
CA ILE B 210 6.21 -6.03 -21.65
C ILE B 210 6.87 -6.70 -20.44
N PHE B 211 6.16 -6.72 -19.31
CA PHE B 211 6.68 -7.39 -18.12
C PHE B 211 6.84 -8.89 -18.36
N LYS B 212 6.00 -9.47 -19.22
CA LYS B 212 6.12 -10.89 -19.53
C LYS B 212 7.42 -11.21 -20.27
N HIS B 213 7.86 -10.31 -21.14
CA HIS B 213 9.05 -10.54 -21.96
C HIS B 213 10.33 -9.96 -21.37
N ILE B 214 10.23 -9.13 -20.32
CA ILE B 214 11.42 -8.60 -19.65
C ILE B 214 11.70 -9.36 -18.36
N GLU B 215 10.71 -9.45 -17.47
CA GLU B 215 10.91 -10.12 -16.21
C GLU B 215 10.81 -11.64 -16.33
N GLY B 216 10.39 -12.15 -17.48
CA GLY B 216 10.20 -13.57 -17.66
C GLY B 216 8.97 -14.14 -17.00
N TRP B 217 8.07 -13.28 -16.53
CA TRP B 217 6.87 -13.70 -15.83
C TRP B 217 5.94 -14.47 -16.77
N SER B 218 4.91 -15.07 -16.18
CA SER B 218 3.84 -15.71 -16.96
C SER B 218 2.86 -14.63 -17.42
N ALA B 219 1.77 -15.05 -18.06
CA ALA B 219 0.74 -14.08 -18.44
C ALA B 219 -0.04 -13.62 -17.22
N LEU B 220 -0.35 -14.54 -16.31
CA LEU B 220 -1.13 -14.18 -15.12
C LEU B 220 -0.30 -13.38 -14.13
N ASP B 221 0.98 -13.73 -13.97
CA ASP B 221 1.85 -12.98 -13.06
C ASP B 221 1.88 -11.50 -13.43
N ALA B 222 2.01 -11.20 -14.72
CA ALA B 222 2.10 -9.80 -15.15
C ALA B 222 0.79 -9.05 -14.90
N ILE B 223 -0.35 -9.66 -15.24
CA ILE B 223 -1.62 -9.03 -14.98
C ILE B 223 -1.88 -8.92 -13.48
N TYR B 224 -1.50 -9.95 -12.72
CA TYR B 224 -1.56 -9.86 -11.27
C TYR B 224 -0.72 -8.70 -10.74
N PHE B 225 0.51 -8.56 -11.26
CA PHE B 225 1.37 -7.47 -10.85
C PHE B 225 0.75 -6.10 -11.17
N VAL B 226 0.21 -5.96 -12.38
CA VAL B 226 -0.39 -4.68 -12.78
C VAL B 226 -1.50 -4.29 -11.82
N VAL B 227 -2.41 -5.22 -11.52
CA VAL B 227 -3.50 -4.94 -10.59
C VAL B 227 -2.96 -4.59 -9.22
N ILE B 228 -2.14 -5.48 -8.65
CA ILE B 228 -1.59 -5.25 -7.31
C ILE B 228 -0.81 -3.94 -7.25
N THR B 229 -0.14 -3.56 -8.34
CA THR B 229 0.57 -2.30 -8.35
C THR B 229 -0.40 -1.12 -8.43
N LEU B 230 -1.29 -1.13 -9.41
CA LEU B 230 -2.11 0.04 -9.68
C LEU B 230 -3.32 0.15 -8.76
N THR B 231 -3.75 -0.96 -8.17
CA THR B 231 -4.69 -0.91 -7.05
C THR B 231 -4.00 -0.52 -5.74
N THR B 232 -2.73 -0.10 -5.81
CA THR B 232 -1.87 0.30 -4.68
C THR B 232 -2.05 -0.61 -3.48
N ILE B 233 -2.25 -1.91 -3.73
CA ILE B 233 -2.15 -2.91 -2.67
C ILE B 233 -0.69 -3.25 -2.42
N GLY B 234 0.05 -3.58 -3.48
CA GLY B 234 1.48 -3.76 -3.42
C GLY B 234 1.96 -4.81 -2.43
N PHE B 235 1.58 -6.07 -2.65
CA PHE B 235 2.10 -7.13 -1.81
C PHE B 235 3.62 -7.18 -1.84
N GLY B 236 4.22 -6.94 -3.01
CA GLY B 236 5.64 -7.09 -3.19
C GLY B 236 6.09 -8.48 -3.59
N ASP B 237 5.16 -9.43 -3.69
CA ASP B 237 5.54 -10.77 -4.15
C ASP B 237 6.04 -10.74 -5.59
N TYR B 238 5.58 -9.77 -6.37
CA TYR B 238 6.10 -9.52 -7.70
C TYR B 238 6.43 -8.04 -7.82
N VAL B 239 7.68 -7.74 -8.19
CA VAL B 239 8.13 -6.37 -8.37
C VAL B 239 8.96 -6.31 -9.64
N ALA B 240 8.73 -5.30 -10.47
CA ALA B 240 9.46 -5.15 -11.72
C ALA B 240 10.92 -4.82 -11.52
N GLY B 241 11.33 -4.41 -10.32
CA GLY B 241 12.71 -4.07 -10.07
C GLY B 241 13.29 -4.76 -8.85
N GLY B 242 12.86 -6.00 -8.59
CA GLY B 242 13.35 -6.74 -7.46
C GLY B 242 14.55 -7.62 -7.78
N SER B 243 14.47 -8.36 -8.88
CA SER B 243 15.56 -9.23 -9.32
C SER B 243 16.69 -8.37 -9.91
N ASP B 244 17.70 -9.03 -10.48
CA ASP B 244 18.90 -8.36 -10.92
C ASP B 244 19.20 -8.58 -12.40
N ILE B 245 18.18 -8.90 -13.20
CA ILE B 245 18.43 -9.64 -14.44
C ILE B 245 19.30 -8.86 -15.43
N GLU B 246 18.74 -7.86 -16.12
CA GLU B 246 19.59 -6.90 -16.83
C GLU B 246 19.20 -5.44 -16.57
N TYR B 247 17.92 -5.13 -16.79
CA TYR B 247 17.36 -3.81 -16.46
C TYR B 247 18.09 -2.67 -17.19
N LEU B 248 17.78 -2.56 -18.49
CA LEU B 248 18.36 -1.59 -19.43
C LEU B 248 18.63 -0.23 -18.78
N ASP B 249 17.74 0.18 -17.88
CA ASP B 249 17.68 1.44 -17.14
C ASP B 249 17.02 2.51 -18.01
N PHE B 250 16.66 2.20 -19.25
CA PHE B 250 15.49 2.82 -19.86
C PHE B 250 14.21 2.22 -19.29
N TYR B 251 14.33 1.15 -18.51
CA TYR B 251 13.21 0.36 -18.03
C TYR B 251 12.72 0.84 -16.66
N LYS B 252 13.62 0.91 -15.68
CA LYS B 252 13.23 1.32 -14.34
C LYS B 252 12.59 2.71 -14.26
N PRO B 253 12.96 3.71 -15.08
CA PRO B 253 12.19 4.97 -15.06
C PRO B 253 10.79 4.82 -15.61
N VAL B 254 10.61 4.09 -16.72
CA VAL B 254 9.29 3.94 -17.31
C VAL B 254 8.35 3.17 -16.39
N VAL B 255 8.89 2.39 -15.46
CA VAL B 255 8.05 1.65 -14.52
C VAL B 255 7.25 2.60 -13.63
N TRP B 256 7.94 3.49 -12.91
CA TRP B 256 7.22 4.41 -12.04
C TRP B 256 6.43 5.43 -12.85
N PHE B 257 6.88 5.72 -14.07
CA PHE B 257 6.12 6.61 -14.95
C PHE B 257 4.81 5.96 -15.36
N TRP B 258 4.86 4.67 -15.72
CA TRP B 258 3.65 3.87 -15.88
C TRP B 258 2.78 3.90 -14.64
N ILE B 259 3.39 3.72 -13.47
CA ILE B 259 2.64 3.70 -12.22
C ILE B 259 1.89 5.02 -12.03
N LEU B 260 2.58 6.14 -12.23
CA LEU B 260 1.95 7.45 -12.11
C LEU B 260 0.68 7.55 -12.92
N VAL B 261 0.74 7.19 -14.20
CA VAL B 261 -0.44 7.34 -15.06
C VAL B 261 -1.39 6.17 -14.85
N GLY B 262 -0.86 4.98 -14.57
CA GLY B 262 -1.73 3.83 -14.31
C GLY B 262 -2.57 3.99 -13.05
N LEU B 263 -1.96 4.53 -11.99
CA LEU B 263 -2.73 4.82 -10.77
C LEU B 263 -3.92 5.72 -11.07
N ALA B 264 -3.72 6.70 -11.97
CA ALA B 264 -4.83 7.56 -12.36
C ALA B 264 -5.92 6.76 -13.07
N TYR B 265 -5.54 5.70 -13.79
CA TYR B 265 -6.54 4.93 -14.53
C TYR B 265 -7.40 4.09 -13.59
N PHE B 266 -6.79 3.28 -12.71
CA PHE B 266 -7.59 2.51 -11.76
C PHE B 266 -8.36 3.43 -10.83
N ALA B 267 -7.78 4.58 -10.47
CA ALA B 267 -8.50 5.53 -9.62
C ALA B 267 -9.84 5.89 -10.23
N ALA B 268 -9.89 6.07 -11.54
CA ALA B 268 -11.17 6.23 -12.22
C ALA B 268 -11.93 4.91 -12.24
N VAL B 269 -11.25 3.81 -12.59
CA VAL B 269 -11.91 2.51 -12.65
C VAL B 269 -12.47 2.11 -11.30
N LEU B 270 -11.62 2.12 -10.27
CA LEU B 270 -12.08 1.78 -8.92
C LEU B 270 -13.09 2.79 -8.38
N SER B 271 -13.24 3.95 -9.02
CA SER B 271 -14.34 4.84 -8.69
C SER B 271 -15.59 4.56 -9.51
N MET B 272 -15.42 4.13 -10.77
CA MET B 272 -16.58 3.71 -11.56
C MET B 272 -17.22 2.46 -10.96
N ILE B 273 -16.39 1.50 -10.52
CA ILE B 273 -16.91 0.31 -9.87
C ILE B 273 -17.66 0.67 -8.61
N GLY B 274 -17.15 1.66 -7.86
CA GLY B 274 -17.86 2.12 -6.68
C GLY B 274 -19.24 2.67 -7.00
N ASP B 275 -19.36 3.45 -8.08
CA ASP B 275 -20.66 3.94 -8.49
C ASP B 275 -21.58 2.79 -8.90
N TRP B 276 -21.03 1.79 -9.57
CA TRP B 276 -21.80 0.59 -9.92
C TRP B 276 -22.34 -0.09 -8.67
N LEU B 277 -21.54 -0.12 -7.60
CA LEU B 277 -21.99 -0.73 -6.36
C LEU B 277 -23.03 0.15 -5.66
N ARG B 278 -22.92 1.47 -5.81
CA ARG B 278 -23.94 2.37 -5.27
C ARG B 278 -25.27 2.19 -6.01
N VAL B 279 -25.20 1.94 -7.32
CA VAL B 279 -26.43 1.67 -8.08
C VAL B 279 -27.01 0.32 -7.66
N ILE B 280 -26.19 -0.73 -7.67
CA ILE B 280 -26.66 -2.05 -7.28
C ILE B 280 -27.15 -2.07 -5.83
N ALA B 281 -26.56 -1.22 -4.98
CA ALA B 281 -27.05 -1.12 -3.61
C ALA B 281 -28.49 -0.63 -3.57
N LYS B 282 -28.79 0.42 -4.33
CA LYS B 282 -30.15 0.95 -4.35
C LYS B 282 -31.11 -0.03 -4.99
N LYS B 283 -30.65 -0.75 -6.03
CA LYS B 283 -31.53 -1.70 -6.71
C LYS B 283 -31.87 -2.88 -5.82
N THR B 284 -30.87 -3.43 -5.11
CA THR B 284 -31.14 -4.51 -4.16
C THR B 284 -31.75 -4.00 -2.87
N LYS B 285 -31.65 -2.69 -2.60
CA LYS B 285 -32.42 -2.10 -1.51
C LYS B 285 -33.91 -2.20 -1.79
N GLU B 286 -34.33 -1.70 -2.95
CA GLU B 286 -35.74 -1.73 -3.34
C GLU B 286 -36.20 -3.10 -3.81
N ALA B 287 -35.26 -4.00 -4.13
CA ALA B 287 -35.64 -5.36 -4.49
C ALA B 287 -36.17 -6.12 -3.28
N VAL B 288 -35.56 -5.91 -2.11
CA VAL B 288 -36.09 -6.51 -0.89
C VAL B 288 -37.38 -5.82 -0.48
N GLY B 289 -37.52 -4.53 -0.79
CA GLY B 289 -38.78 -3.87 -0.54
C GLY B 289 -39.93 -4.48 -1.31
N GLU B 290 -39.69 -4.76 -2.60
CA GLU B 290 -40.70 -5.42 -3.42
C GLU B 290 -41.03 -6.81 -2.89
N PHE B 291 -40.01 -7.57 -2.52
CA PHE B 291 -40.20 -8.94 -2.03
C PHE B 291 -40.97 -8.95 -0.71
N ARG B 292 -40.51 -8.17 0.26
CA ARG B 292 -41.13 -8.17 1.58
C ARG B 292 -42.43 -7.38 1.62
N ALA B 293 -42.74 -6.59 0.59
CA ALA B 293 -44.04 -5.93 0.53
C ALA B 293 -45.14 -6.93 0.21
N HIS B 294 -44.87 -7.88 -0.69
CA HIS B 294 -45.89 -8.79 -1.21
C HIS B 294 -45.86 -10.15 -0.53
N ALA B 295 -44.74 -10.85 -0.60
CA ALA B 295 -44.57 -12.17 0.01
C ALA B 295 -45.69 -13.12 -0.44
N ALA B 296 -45.72 -13.39 -1.75
CA ALA B 296 -46.72 -14.26 -2.36
C ALA B 296 -48.13 -13.75 -2.12
N GLU B 297 -48.29 -12.43 -2.05
CA GLU B 297 -49.59 -11.79 -1.85
C GLU B 297 -50.28 -12.31 -0.59
CD CD C . 4.50 45.16 -4.36
CD CD D . 5.14 -18.17 10.09
C1 D12 E . 9.28 20.51 3.98
C2 D12 E . 9.43 21.13 2.59
C3 D12 E . 8.06 21.25 1.93
C4 D12 E . 8.09 22.42 0.94
C5 D12 E . 6.96 22.27 -0.08
C6 D12 E . 7.21 23.23 -1.24
C7 D12 E . 5.96 23.31 -2.12
C8 D12 E . 6.24 24.22 -3.31
C9 D12 E . 5.02 24.22 -4.23
C10 D12 E . 5.36 24.92 -5.54
C11 D12 E . 4.49 24.34 -6.66
C12 D12 E . 3.81 25.49 -7.40
C1 D12 F . 11.59 19.59 -0.76
C2 D12 F . 11.51 21.10 -0.96
C3 D12 F . 11.27 21.41 -2.44
C4 D12 F . 11.39 22.91 -2.68
C5 D12 F . 11.11 23.22 -4.14
C6 D12 F . 10.81 24.71 -4.30
C7 D12 F . 10.30 24.96 -5.73
C8 D12 F . 9.78 26.40 -5.84
C9 D12 F . 8.51 26.38 -6.69
C10 D12 F . 8.37 27.70 -7.44
C11 D12 F . 7.05 27.70 -8.20
C12 D12 F . 6.82 29.08 -8.81
C1 D12 G . -15.90 -6.23 -11.88
C2 D12 G . -14.86 -7.34 -11.66
C3 D12 G . -14.53 -7.98 -13.01
C4 D12 G . -13.59 -9.16 -12.78
C5 D12 G . -13.06 -9.67 -14.12
C6 D12 G . -12.00 -10.73 -13.86
C7 D12 G . -11.26 -11.08 -15.15
C8 D12 G . -9.99 -11.85 -14.79
C9 D12 G . -9.31 -12.36 -16.07
C10 D12 G . -7.99 -13.03 -15.70
C11 D12 G . -7.37 -13.63 -16.96
C12 D12 G . -6.19 -14.53 -16.57
K K H . 8.74 -11.55 2.72
K K I . 4.06 -5.14 1.02
K K J . 1.97 -2.78 0.53
K K K . 0.02 -0.72 -0.03
K K L . -2.40 2.00 -0.32
CD CD M . 19.98 -9.55 -5.04
C1 D12 N . 10.67 6.91 22.37
C2 D12 N . 11.29 7.46 21.09
C3 D12 N . 10.20 7.81 20.08
C4 D12 N . 10.72 8.90 19.15
C5 D12 N . 9.92 8.89 17.85
C6 D12 N . 10.49 9.94 16.90
C7 D12 N . 9.55 10.13 15.71
C8 D12 N . 9.83 11.48 15.06
C9 D12 N . 8.59 11.92 14.28
C10 D12 N . 8.76 13.36 13.80
C11 D12 N . 7.38 14.01 13.69
C12 D12 N . 7.42 15.11 12.62
C1 OCT O . -29.45 -6.99 1.32
C2 OCT O . -28.35 -7.98 1.73
C3 OCT O . -27.60 -8.44 0.48
C4 OCT O . -26.33 -9.18 0.89
C5 OCT O . -25.51 -9.50 -0.36
C6 OCT O . -24.11 -9.94 0.03
C7 OCT O . -23.19 -9.77 -1.16
C8 OCT O . -21.91 -10.59 -0.95
#